data_8B4V
#
_entry.id   8B4V
#
_cell.length_a   131.952
_cell.length_b   131.952
_cell.length_c   155.351
_cell.angle_alpha   90.000
_cell.angle_beta   90.000
_cell.angle_gamma   120.000
#
_symmetry.space_group_name_H-M   'P 65 2 2'
#
loop_
_entity.id
_entity.type
_entity.pdbx_description
1 polymer Furin
2 non-polymer BENZAMIDINE
3 non-polymer 'CALCIUM ION'
4 non-polymer 'SODIUM ION'
5 non-polymer 'CHLORIDE ION'
6 non-polymer 'DIMETHYL SULFOXIDE'
7 non-polymer 2-acetamido-2-deoxy-beta-D-glucopyranose
8 water water
#
_entity_poly.entity_id   1
_entity_poly.type   'polypeptide(L)'
_entity_poly.pdbx_seq_one_letter_code
;DVYQEPTDPKFPQQWYLSGVTQRDLNVKAAWAQGYTGHGIVVSILDDGIEKNHPDLAGNYDPGASFDVNDQDPDPQPRYT
QMNDNRHGTRCAGEVAAVANNGVCGVGVAYNARIGGVRMLDGEVTDAVEARSLGLNPNHIHIYSASWGPEDDGKTVDGPA
RLAEEAFFRGVSQGRGGLGSIFVWASGNGGREHDSCNCDGYTNSIYTLSISSATQFGNVPWYSEACSSTLATTYSSGNQN
EKQIVTTDLRQKCTESHTGTSASAPLAAGIIALTLEANKNLTWRDMQHLVVQTSKPAHLNANDWATNGVGRKVSHSYGYG
LLDAGAMVALAQNWTTVAPQRKCIIDILTEPKDIGKRLEVRKTVTACLGEPNHITRLEHAQARLTLSYNRRGDLAIHLVS
PMGTRSTLLAARPHDYSADGFNDWAFMTTHSWDEDPSGEWVLEIENTSEANNYGTLTKFTLVLYGTASGSLVPRGSHHHH
;
_entity_poly.pdbx_strand_id   A
#
loop_
_chem_comp.id
_chem_comp.type
_chem_comp.name
_chem_comp.formula
BEN non-polymer BENZAMIDINE 'C7 H8 N2'
CA non-polymer 'CALCIUM ION' 'Ca 2'
CL non-polymer 'CHLORIDE ION' 'Cl -1'
DMS non-polymer 'DIMETHYL SULFOXIDE' 'C2 H6 O S'
NA non-polymer 'SODIUM ION' 'Na 1'
NAG D-saccharide, beta linking 2-acetamido-2-deoxy-beta-D-glucopyranose 'C8 H15 N O6'
#
# COMPACT_ATOMS: atom_id res chain seq x y z
N TYR A 3 -22.98 6.38 -21.07
N TYR A 3 -21.03 7.49 -22.72
CA TYR A 3 -21.69 5.71 -21.07
CA TYR A 3 -20.11 6.41 -22.37
C TYR A 3 -21.78 4.29 -21.67
C TYR A 3 -20.75 5.04 -22.53
N GLN A 4 -20.85 3.96 -22.56
N GLN A 4 -20.08 4.17 -23.28
CA GLN A 4 -20.78 2.63 -23.16
CA GLN A 4 -20.44 2.75 -23.38
C GLN A 4 -19.56 1.90 -22.61
C GLN A 4 -19.34 1.94 -22.71
N GLU A 5 -19.79 0.74 -21.98
N GLU A 5 -19.71 0.85 -22.04
CA GLU A 5 -18.71 0.01 -21.36
CA GLU A 5 -18.70 0.05 -21.39
C GLU A 5 -17.83 -0.64 -22.44
C GLU A 5 -17.84 -0.67 -22.43
N PRO A 6 -16.60 -1.00 -22.08
CA PRO A 6 -15.66 -1.54 -23.09
C PRO A 6 -16.18 -2.78 -23.78
N THR A 7 -15.81 -2.91 -25.05
CA THR A 7 -16.17 -4.03 -25.88
C THR A 7 -15.07 -5.09 -25.97
N ASP A 8 -13.97 -4.91 -25.24
CA ASP A 8 -12.84 -5.81 -25.36
C ASP A 8 -13.24 -7.24 -25.05
N PRO A 9 -12.60 -8.22 -25.71
CA PRO A 9 -13.09 -9.61 -25.63
C PRO A 9 -13.04 -10.21 -24.24
N LYS A 10 -12.04 -9.85 -23.43
CA LYS A 10 -11.92 -10.37 -22.07
C LYS A 10 -12.49 -9.42 -21.01
N PHE A 11 -13.09 -8.30 -21.41
CA PHE A 11 -13.68 -7.43 -20.40
C PHE A 11 -14.72 -8.16 -19.56
N PRO A 12 -15.58 -9.02 -20.13
CA PRO A 12 -16.54 -9.75 -19.28
C PRO A 12 -15.87 -10.61 -18.21
N GLN A 13 -14.64 -11.04 -18.46
CA GLN A 13 -13.89 -11.84 -17.50
C GLN A 13 -13.23 -11.00 -16.41
N GLN A 14 -13.23 -9.68 -16.54
CA GLN A 14 -12.66 -8.77 -15.53
C GLN A 14 -13.72 -8.49 -14.47
N TRP A 15 -13.99 -9.54 -13.69
CA TRP A 15 -15.08 -9.55 -12.74
C TRP A 15 -14.97 -8.46 -11.69
N TYR A 16 -13.73 -8.05 -11.38
CA TYR A 16 -13.43 -7.05 -10.36
C TYR A 16 -13.68 -5.63 -10.87
N LEU A 17 -13.91 -5.48 -12.18
CA LEU A 17 -14.42 -4.29 -12.82
C LEU A 17 -15.84 -4.46 -13.35
N SER A 18 -16.05 -5.43 -14.25
CA SER A 18 -17.30 -5.53 -15.01
C SER A 18 -18.45 -6.14 -14.22
N GLY A 19 -18.22 -6.50 -12.96
CA GLY A 19 -19.23 -7.23 -12.21
C GLY A 19 -20.51 -6.42 -12.04
N VAL A 20 -21.61 -7.14 -11.88
CA VAL A 20 -22.93 -6.54 -11.67
C VAL A 20 -23.56 -7.13 -10.42
N THR A 21 -22.73 -7.73 -9.56
CA THR A 21 -23.21 -8.36 -8.33
C THR A 21 -22.61 -7.71 -7.09
N GLN A 22 -22.14 -6.47 -7.21
CA GLN A 22 -21.59 -5.65 -6.13
C GLN A 22 -20.28 -6.17 -5.55
N ARG A 23 -19.70 -7.23 -6.11
CA ARG A 23 -18.39 -7.69 -5.68
C ARG A 23 -17.33 -7.18 -6.65
N ASP A 24 -17.16 -5.86 -6.68
CA ASP A 24 -16.21 -5.26 -7.60
C ASP A 24 -15.70 -3.93 -7.04
N LEU A 25 -14.80 -3.29 -7.79
CA LEU A 25 -14.13 -2.06 -7.37
C LEU A 25 -14.88 -0.80 -7.78
N ASN A 26 -16.10 -0.94 -8.30
CA ASN A 26 -16.97 0.19 -8.64
C ASN A 26 -16.27 1.15 -9.60
N VAL A 27 -15.62 0.59 -10.62
CA VAL A 27 -14.87 1.38 -11.58
C VAL A 27 -15.77 1.92 -12.70
N LYS A 28 -16.77 1.14 -13.14
CA LYS A 28 -17.66 1.64 -14.18
C LYS A 28 -18.29 2.96 -13.77
N ALA A 29 -18.61 3.11 -12.47
CA ALA A 29 -19.22 4.34 -11.98
C ALA A 29 -18.30 5.53 -12.20
N ALA A 30 -16.99 5.35 -12.01
CA ALA A 30 -16.04 6.43 -12.29
C ALA A 30 -15.94 6.70 -13.78
N TRP A 31 -15.88 5.63 -14.59
CA TRP A 31 -15.85 5.80 -16.03
C TRP A 31 -17.07 6.57 -16.52
N ALA A 32 -18.25 6.27 -15.98
CA ALA A 32 -19.47 6.95 -16.37
C ALA A 32 -19.49 8.40 -15.92
N GLN A 33 -18.77 8.74 -14.84
CA GLN A 33 -18.60 10.13 -14.42
C GLN A 33 -17.63 10.88 -15.35
N GLY A 34 -17.05 10.20 -16.35
CA GLY A 34 -16.12 10.82 -17.29
C GLY A 34 -14.64 10.64 -16.98
N TYR A 35 -14.28 9.79 -16.03
CA TYR A 35 -12.90 9.66 -15.57
C TYR A 35 -12.34 8.32 -16.03
N THR A 36 -11.37 8.36 -16.95
CA THR A 36 -10.72 7.17 -17.47
C THR A 36 -9.19 7.26 -17.39
N GLY A 37 -8.65 8.31 -16.78
CA GLY A 37 -7.22 8.44 -16.58
C GLY A 37 -6.52 9.41 -17.52
N HIS A 38 -7.27 10.08 -18.39
CA HIS A 38 -6.68 11.04 -19.33
C HIS A 38 -5.75 12.00 -18.59
N GLY A 39 -4.53 12.16 -19.10
CA GLY A 39 -3.59 13.11 -18.55
C GLY A 39 -2.77 12.63 -17.38
N ILE A 40 -3.02 11.44 -16.86
CA ILE A 40 -2.29 10.92 -15.71
C ILE A 40 -1.22 9.96 -16.22
N VAL A 41 -0.09 9.92 -15.51
CA VAL A 41 1.08 9.14 -15.89
C VAL A 41 1.41 8.20 -14.73
N VAL A 42 1.45 6.89 -15.00
CA VAL A 42 1.74 5.86 -14.02
C VAL A 42 2.96 5.08 -14.49
N SER A 43 3.84 4.72 -13.55
CA SER A 43 5.01 3.89 -13.88
C SER A 43 5.05 2.64 -13.02
N ILE A 44 5.30 1.50 -13.66
CA ILE A 44 5.43 0.21 -13.00
C ILE A 44 6.91 -0.04 -12.72
N LEU A 45 7.30 -0.14 -11.45
CA LEU A 45 8.69 -0.42 -11.08
C LEU A 45 8.83 -1.92 -10.88
N ASP A 46 9.40 -2.61 -11.88
CA ASP A 46 9.39 -4.08 -11.85
C ASP A 46 10.48 -4.62 -12.78
N ASP A 47 10.19 -5.70 -13.52
CA ASP A 47 11.18 -6.36 -14.36
C ASP A 47 11.16 -5.89 -15.81
N GLY A 48 10.48 -4.79 -16.11
CA GLY A 48 10.39 -4.27 -17.46
C GLY A 48 8.94 -4.21 -17.95
N ILE A 49 8.78 -3.63 -19.14
CA ILE A 49 7.46 -3.51 -19.75
C ILE A 49 7.58 -3.74 -21.26
N GLU A 50 6.72 -4.62 -21.78
CA GLU A 50 6.68 -4.91 -23.22
C GLU A 50 5.96 -3.75 -23.89
N LYS A 51 6.75 -2.73 -24.30
CA LYS A 51 6.17 -1.46 -24.70
C LYS A 51 5.44 -1.57 -26.03
N ASN A 52 5.73 -2.59 -26.82
CA ASN A 52 5.07 -2.87 -28.08
C ASN A 52 3.89 -3.83 -27.94
N HIS A 53 3.49 -4.18 -26.72
CA HIS A 53 2.34 -5.06 -26.56
C HIS A 53 1.12 -4.44 -27.23
N PRO A 54 0.33 -5.20 -27.98
CA PRO A 54 -0.81 -4.59 -28.68
C PRO A 54 -1.82 -3.93 -27.75
N ASP A 55 -1.88 -4.30 -26.48
CA ASP A 55 -2.80 -3.65 -25.56
C ASP A 55 -2.12 -2.61 -24.67
N LEU A 56 -0.82 -2.33 -24.86
CA LEU A 56 -0.14 -1.27 -24.14
C LEU A 56 0.42 -0.16 -25.02
N ALA A 57 0.76 -0.44 -26.28
CA ALA A 57 1.48 0.53 -27.11
C ALA A 57 0.74 1.85 -27.21
N GLY A 58 -0.58 1.81 -27.33
CA GLY A 58 -1.35 3.03 -27.49
C GLY A 58 -1.26 3.98 -26.31
N ASN A 59 -0.96 3.47 -25.12
CA ASN A 59 -0.83 4.27 -23.92
C ASN A 59 0.60 4.39 -23.43
N TYR A 60 1.55 3.75 -24.10
CA TYR A 60 2.92 3.71 -23.60
C TYR A 60 3.55 5.09 -23.61
N ASP A 61 4.30 5.39 -22.55
CA ASP A 61 4.95 6.69 -22.36
C ASP A 61 6.43 6.46 -22.09
N PRO A 62 7.32 6.74 -23.06
CA PRO A 62 8.75 6.60 -22.77
C PRO A 62 9.24 7.50 -21.64
N GLY A 63 8.57 8.65 -21.42
CA GLY A 63 8.91 9.53 -20.32
C GLY A 63 8.54 8.98 -18.95
N ALA A 64 7.80 7.89 -18.91
CA ALA A 64 7.50 7.19 -17.66
C ALA A 64 8.34 5.94 -17.49
N SER A 65 9.41 5.80 -18.27
CA SER A 65 10.12 4.54 -18.39
C SER A 65 11.63 4.74 -18.33
N PHE A 66 12.32 3.70 -17.88
CA PHE A 66 13.78 3.67 -17.89
C PHE A 66 14.21 2.24 -17.61
N ASP A 67 15.46 1.94 -17.98
CA ASP A 67 16.07 0.65 -17.68
C ASP A 67 17.25 0.91 -16.75
N VAL A 68 17.00 0.74 -15.44
CA VAL A 68 18.03 0.96 -14.46
C VAL A 68 18.99 -0.23 -14.41
N ASN A 69 18.53 -1.42 -14.79
CA ASN A 69 19.41 -2.59 -14.73
C ASN A 69 20.54 -2.49 -15.75
N ASP A 70 20.25 -2.05 -16.97
CA ASP A 70 21.25 -1.94 -18.02
C ASP A 70 21.64 -0.50 -18.32
N GLN A 71 21.06 0.47 -17.63
CA GLN A 71 21.38 1.89 -17.76
C GLN A 71 21.15 2.37 -19.20
N ASP A 72 19.89 2.32 -19.61
CA ASP A 72 19.45 2.85 -20.90
C ASP A 72 17.97 3.20 -20.78
N PRO A 73 17.40 3.88 -21.78
CA PRO A 73 16.03 4.38 -21.63
C PRO A 73 14.95 3.34 -21.88
N ASP A 74 15.31 2.18 -22.42
CA ASP A 74 14.37 1.25 -23.01
C ASP A 74 14.08 0.11 -22.04
N PRO A 75 12.88 0.05 -21.45
CA PRO A 75 12.60 -0.95 -20.40
C PRO A 75 12.13 -2.29 -20.92
N GLN A 76 12.34 -2.57 -22.20
CA GLN A 76 11.86 -3.83 -22.75
C GLN A 76 12.35 -5.00 -21.91
N PRO A 77 11.51 -5.99 -21.64
CA PRO A 77 11.96 -7.13 -20.83
C PRO A 77 12.99 -7.98 -21.55
N ARG A 78 13.79 -8.69 -20.74
CA ARG A 78 14.70 -9.73 -21.21
C ARG A 78 13.93 -11.03 -21.40
N TYR A 79 13.90 -11.54 -22.63
CA TYR A 79 13.12 -12.71 -22.98
C TYR A 79 13.90 -13.99 -22.69
N THR A 80 13.24 -14.94 -22.03
CA THR A 80 13.82 -16.22 -21.66
C THR A 80 12.79 -17.33 -21.89
N GLN A 81 13.28 -18.57 -22.00
CA GLN A 81 12.40 -19.73 -22.18
C GLN A 81 11.34 -19.80 -21.08
N MET A 82 11.71 -19.43 -19.86
CA MET A 82 10.81 -19.53 -18.73
C MET A 82 9.90 -18.32 -18.58
N ASN A 83 10.01 -17.33 -19.47
CA ASN A 83 9.21 -16.11 -19.38
C ASN A 83 9.25 -15.49 -17.98
N ASP A 84 10.46 -15.44 -17.41
CA ASP A 84 10.59 -14.95 -16.04
C ASP A 84 10.20 -13.48 -15.91
N ASN A 85 10.50 -12.67 -16.92
CA ASN A 85 10.38 -11.22 -16.81
C ASN A 85 9.07 -10.71 -17.38
N ARG A 86 7.99 -11.36 -16.95
CA ARG A 86 6.63 -11.07 -17.40
C ARG A 86 5.86 -10.17 -16.45
N HIS A 87 6.38 -9.93 -15.25
CA HIS A 87 5.55 -9.37 -14.19
C HIS A 87 5.21 -7.92 -14.43
N GLY A 88 6.18 -7.13 -14.87
CA GLY A 88 5.90 -5.71 -15.11
C GLY A 88 4.88 -5.49 -16.20
N THR A 89 4.88 -6.35 -17.23
CA THR A 89 3.90 -6.27 -18.30
C THR A 89 2.50 -6.59 -17.79
N ARG A 90 2.38 -7.62 -16.96
CA ARG A 90 1.10 -7.93 -16.33
C ARG A 90 0.60 -6.74 -15.51
N CYS A 91 1.49 -6.16 -14.69
CA CYS A 91 1.06 -5.05 -13.85
C CYS A 91 0.65 -3.84 -14.69
N ALA A 92 1.40 -3.56 -15.76
CA ALA A 92 1.08 -2.39 -16.59
C ALA A 92 -0.32 -2.48 -17.18
N GLY A 93 -0.71 -3.68 -17.64
CA GLY A 93 -2.03 -3.82 -18.25
C GLY A 93 -3.16 -3.66 -17.27
N GLU A 94 -2.92 -3.96 -16.00
CA GLU A 94 -3.96 -3.76 -15.00
C GLU A 94 -4.27 -2.28 -14.84
N VAL A 95 -3.25 -1.43 -14.90
CA VAL A 95 -3.43 0.01 -14.79
C VAL A 95 -4.06 0.57 -16.06
N ALA A 96 -3.48 0.22 -17.23
CA ALA A 96 -3.72 1.05 -18.40
C ALA A 96 -3.75 0.29 -19.72
N ALA A 97 -4.17 -0.97 -19.72
CA ALA A 97 -4.43 -1.63 -21.00
C ALA A 97 -5.45 -0.83 -21.81
N VAL A 98 -5.20 -0.73 -23.13
CA VAL A 98 -6.07 0.03 -24.01
C VAL A 98 -7.45 -0.60 -24.08
N ALA A 99 -8.46 0.26 -24.21
CA ALA A 99 -9.85 -0.17 -24.27
C ALA A 99 -10.39 -0.08 -25.69
N ASN A 100 -11.41 -0.92 -25.97
CA ASN A 100 -12.20 -0.87 -27.19
C ASN A 100 -11.35 -1.07 -28.44
N ASN A 101 -10.37 -1.97 -28.33
CA ASN A 101 -9.45 -2.26 -29.42
C ASN A 101 -9.40 -3.74 -29.78
N GLY A 102 -10.37 -4.53 -29.32
CA GLY A 102 -10.44 -5.92 -29.70
C GLY A 102 -9.36 -6.82 -29.14
N VAL A 103 -8.59 -6.35 -28.15
CA VAL A 103 -7.48 -7.10 -27.58
C VAL A 103 -7.69 -7.21 -26.08
N CYS A 104 -7.58 -8.44 -25.55
N CYS A 104 -7.52 -8.43 -25.54
CA CYS A 104 -7.57 -8.76 -24.11
CA CYS A 104 -7.48 -8.72 -24.10
C CYS A 104 -8.66 -7.95 -23.39
C CYS A 104 -8.62 -7.97 -23.40
N GLY A 105 -8.35 -7.29 -22.28
CA GLY A 105 -9.36 -6.55 -21.55
C GLY A 105 -9.00 -5.08 -21.49
N VAL A 106 -9.22 -4.42 -20.35
CA VAL A 106 -8.94 -3.00 -20.23
C VAL A 106 -8.21 -2.74 -18.93
N GLY A 107 -7.47 -1.63 -18.90
CA GLY A 107 -6.95 -1.12 -17.66
C GLY A 107 -8.01 -0.39 -16.85
N VAL A 108 -7.75 -0.29 -15.54
CA VAL A 108 -8.63 0.53 -14.70
C VAL A 108 -8.67 1.95 -15.23
N ALA A 109 -7.50 2.50 -15.57
CA ALA A 109 -7.37 3.83 -16.12
C ALA A 109 -6.94 3.71 -17.58
N TYR A 110 -7.87 3.27 -18.42
CA TYR A 110 -7.52 2.83 -19.76
C TYR A 110 -7.20 3.96 -20.71
N ASN A 111 -7.26 5.22 -20.28
CA ASN A 111 -6.74 6.34 -21.06
C ASN A 111 -5.56 7.02 -20.38
N ALA A 112 -5.03 6.46 -19.30
CA ALA A 112 -3.81 6.98 -18.72
C ALA A 112 -2.61 6.61 -19.61
N ARG A 113 -1.49 7.29 -19.36
CA ARG A 113 -0.21 6.91 -19.95
C ARG A 113 0.54 6.02 -18.97
N ILE A 114 1.24 5.02 -19.51
CA ILE A 114 1.82 3.94 -18.72
C ILE A 114 3.26 3.72 -19.14
N GLY A 115 4.15 3.65 -18.16
CA GLY A 115 5.53 3.30 -18.38
C GLY A 115 5.99 2.23 -17.41
N GLY A 116 7.23 1.81 -17.58
CA GLY A 116 7.83 0.84 -16.70
C GLY A 116 9.29 1.15 -16.47
N VAL A 117 9.75 0.85 -15.26
CA VAL A 117 11.17 0.89 -14.95
C VAL A 117 11.65 -0.55 -14.82
N ARG A 118 12.61 -0.93 -15.66
CA ARG A 118 13.24 -2.24 -15.59
C ARG A 118 14.32 -2.12 -14.52
N MET A 119 14.01 -2.63 -13.33
CA MET A 119 14.93 -2.50 -12.20
C MET A 119 15.04 -3.74 -11.34
N LEU A 120 14.22 -4.77 -11.53
CA LEU A 120 14.36 -6.00 -10.75
C LEU A 120 15.22 -7.07 -11.42
N ASP A 121 15.57 -6.90 -12.69
CA ASP A 121 16.25 -7.95 -13.45
C ASP A 121 17.76 -7.69 -13.44
N GLY A 122 18.32 -7.89 -12.25
CA GLY A 122 19.72 -7.61 -12.00
C GLY A 122 19.94 -7.52 -10.51
N GLU A 123 21.11 -7.02 -10.13
CA GLU A 123 21.41 -6.84 -8.71
C GLU A 123 20.71 -5.58 -8.24
N VAL A 124 19.76 -5.74 -7.30
CA VAL A 124 18.89 -4.65 -6.88
C VAL A 124 19.52 -4.03 -5.63
N THR A 125 20.30 -2.98 -5.85
CA THR A 125 20.95 -2.25 -4.78
C THR A 125 20.08 -1.09 -4.31
N ASP A 126 20.49 -0.49 -3.19
CA ASP A 126 19.87 0.74 -2.73
C ASP A 126 19.88 1.82 -3.82
N ALA A 127 21.00 1.96 -4.53
CA ALA A 127 21.06 2.96 -5.60
C ALA A 127 20.06 2.63 -6.71
N VAL A 128 19.94 1.35 -7.09
CA VAL A 128 18.95 0.96 -8.11
C VAL A 128 17.55 1.35 -7.68
N GLU A 129 17.19 1.06 -6.42
CA GLU A 129 15.87 1.42 -5.93
C GLU A 129 15.67 2.93 -5.95
N ALA A 130 16.66 3.67 -5.50
CA ALA A 130 16.54 5.13 -5.41
C ALA A 130 16.38 5.76 -6.78
N ARG A 131 17.13 5.29 -7.77
CA ARG A 131 17.03 5.86 -9.11
C ARG A 131 15.70 5.51 -9.76
N SER A 132 15.06 4.42 -9.33
CA SER A 132 13.76 4.03 -9.86
C SER A 132 12.64 4.85 -9.23
N LEU A 133 12.64 4.94 -7.90
CA LEU A 133 11.65 5.72 -7.18
C LEU A 133 11.71 7.18 -7.56
N GLY A 134 12.89 7.66 -7.93
CA GLY A 134 13.12 9.04 -8.31
C GLY A 134 13.07 9.32 -9.79
N LEU A 135 12.57 8.40 -10.60
CA LEU A 135 12.50 8.62 -12.05
C LEU A 135 11.52 9.73 -12.39
N ASN A 136 12.00 10.73 -13.14
CA ASN A 136 11.18 11.75 -13.79
C ASN A 136 10.01 12.19 -12.89
N PRO A 137 10.29 12.69 -11.69
CA PRO A 137 9.22 12.90 -10.70
C PRO A 137 8.31 14.09 -10.96
N ASN A 138 8.61 14.93 -11.94
CA ASN A 138 7.68 15.96 -12.34
C ASN A 138 6.94 15.58 -13.61
N HIS A 139 7.09 14.35 -14.06
CA HIS A 139 6.29 13.81 -15.15
C HIS A 139 5.43 12.63 -14.70
N ILE A 140 6.02 11.68 -14.00
CA ILE A 140 5.28 10.55 -13.46
C ILE A 140 4.49 11.00 -12.23
N HIS A 141 3.20 10.66 -12.18
CA HIS A 141 2.37 11.03 -11.04
C HIS A 141 2.37 9.95 -9.97
N ILE A 142 2.29 8.69 -10.40
CA ILE A 142 2.00 7.54 -9.56
C ILE A 142 2.98 6.43 -9.92
N TYR A 143 3.57 5.83 -8.90
CA TYR A 143 4.51 4.72 -9.03
C TYR A 143 3.86 3.50 -8.38
N SER A 144 4.01 2.33 -9.00
CA SER A 144 3.43 1.09 -8.49
C SER A 144 4.55 0.07 -8.30
N ALA A 145 4.63 -0.53 -7.10
CA ALA A 145 5.70 -1.45 -6.78
C ALA A 145 5.13 -2.69 -6.11
N SER A 146 5.29 -3.82 -6.79
CA SER A 146 4.81 -5.15 -6.41
C SER A 146 6.03 -6.00 -6.05
N TRP A 147 6.85 -5.53 -5.11
CA TRP A 147 8.10 -6.16 -4.72
C TRP A 147 8.47 -5.65 -3.34
N GLY A 148 9.50 -6.27 -2.73
CA GLY A 148 10.04 -5.85 -1.45
C GLY A 148 10.92 -6.90 -0.77
N PRO A 149 11.22 -6.74 0.52
CA PRO A 149 12.07 -7.72 1.22
C PRO A 149 11.48 -9.13 1.18
N GLU A 150 12.36 -10.13 1.26
N GLU A 150 12.37 -10.13 1.26
CA GLU A 150 11.94 -11.52 1.12
CA GLU A 150 11.94 -11.52 1.13
C GLU A 150 10.79 -11.84 2.07
C GLU A 150 10.77 -11.83 2.06
N ASP A 151 9.73 -12.43 1.50
CA ASP A 151 8.53 -12.80 2.26
C ASP A 151 8.67 -14.17 2.91
N ASP A 152 9.81 -14.40 3.59
CA ASP A 152 10.06 -15.69 4.22
C ASP A 152 9.56 -15.75 5.66
N GLY A 153 8.99 -14.65 6.17
CA GLY A 153 8.51 -14.65 7.53
C GLY A 153 9.60 -14.58 8.57
N LYS A 154 10.83 -14.28 8.15
CA LYS A 154 11.90 -14.11 9.12
C LYS A 154 12.74 -12.86 8.89
N THR A 155 12.42 -12.06 7.89
CA THR A 155 13.22 -10.90 7.53
C THR A 155 12.61 -9.63 8.10
N VAL A 156 13.47 -8.74 8.60
CA VAL A 156 13.09 -7.37 8.94
C VAL A 156 14.02 -6.47 8.13
N ASP A 157 13.47 -5.73 7.18
CA ASP A 157 14.31 -4.95 6.28
C ASP A 157 13.44 -3.89 5.62
N GLY A 158 14.06 -2.82 5.20
CA GLY A 158 13.37 -1.73 4.56
C GLY A 158 14.31 -0.92 3.72
N PRO A 159 13.85 0.21 3.20
CA PRO A 159 14.72 1.03 2.36
C PRO A 159 15.95 1.48 3.11
N ALA A 160 17.10 1.37 2.44
CA ALA A 160 18.35 1.93 2.93
C ALA A 160 18.39 3.42 2.59
N ARG A 161 19.54 4.07 2.78
CA ARG A 161 19.55 5.52 2.85
C ARG A 161 19.12 6.19 1.53
N LEU A 162 19.66 5.73 0.40
CA LEU A 162 19.30 6.39 -0.86
C LEU A 162 17.82 6.23 -1.17
N ALA A 163 17.28 5.03 -0.93
CA ALA A 163 15.86 4.82 -1.22
C ALA A 163 14.97 5.61 -0.25
N GLU A 164 15.35 5.69 1.02
CA GLU A 164 14.57 6.51 1.93
C GLU A 164 14.63 7.98 1.53
N GLU A 165 15.81 8.46 1.13
CA GLU A 165 15.93 9.82 0.62
C GLU A 165 15.06 10.01 -0.61
N ALA A 166 14.94 8.96 -1.45
CA ALA A 166 14.10 9.09 -2.63
C ALA A 166 12.63 9.24 -2.25
N PHE A 167 12.17 8.49 -1.23
CA PHE A 167 10.82 8.69 -0.74
C PHE A 167 10.61 10.12 -0.24
N PHE A 168 11.54 10.66 0.57
N PHE A 168 11.54 10.59 0.61
CA PHE A 168 11.29 11.99 1.12
CA PHE A 168 11.50 11.95 1.14
C PHE A 168 11.37 13.06 0.02
C PHE A 168 11.36 12.97 0.01
N ARG A 169 12.29 12.92 -0.94
CA ARG A 169 12.32 13.88 -2.05
C ARG A 169 11.06 13.76 -2.90
N GLY A 170 10.58 12.54 -3.11
CA GLY A 170 9.39 12.34 -3.93
C GLY A 170 8.16 12.99 -3.34
N VAL A 171 7.90 12.75 -2.05
CA VAL A 171 6.67 13.28 -1.46
C VAL A 171 6.80 14.78 -1.19
N SER A 172 8.02 15.31 -1.07
CA SER A 172 8.21 16.72 -0.76
C SER A 172 8.25 17.58 -2.02
N GLN A 173 9.07 17.22 -3.00
CA GLN A 173 9.24 18.03 -4.20
C GLN A 173 8.65 17.41 -5.46
N GLY A 174 8.35 16.11 -5.45
CA GLY A 174 7.76 15.48 -6.61
C GLY A 174 6.40 16.09 -6.98
N ARG A 175 6.05 15.93 -8.25
CA ARG A 175 4.74 16.34 -8.76
C ARG A 175 4.45 17.81 -8.41
N GLY A 176 5.44 18.66 -8.69
CA GLY A 176 5.22 20.08 -8.47
C GLY A 176 5.08 20.47 -7.03
N GLY A 177 5.57 19.64 -6.12
CA GLY A 177 5.44 19.88 -4.71
C GLY A 177 4.23 19.24 -4.07
N LEU A 178 3.37 18.60 -4.86
CA LEU A 178 2.22 17.90 -4.32
C LEU A 178 2.59 16.52 -3.78
N GLY A 179 3.67 15.94 -4.29
CA GLY A 179 4.19 14.68 -3.81
C GLY A 179 3.89 13.50 -4.70
N SER A 180 4.94 12.78 -5.11
CA SER A 180 4.78 11.49 -5.77
C SER A 180 3.87 10.58 -4.95
N ILE A 181 3.04 9.82 -5.65
CA ILE A 181 2.17 8.83 -5.03
C ILE A 181 2.80 7.46 -5.26
N PHE A 182 3.24 6.83 -4.18
CA PHE A 182 3.89 5.52 -4.21
C PHE A 182 2.89 4.47 -3.73
N VAL A 183 2.42 3.62 -4.65
CA VAL A 183 1.47 2.56 -4.32
C VAL A 183 2.24 1.26 -4.16
N TRP A 184 1.99 0.55 -3.07
CA TRP A 184 2.79 -0.62 -2.70
C TRP A 184 1.92 -1.83 -2.41
N ALA A 185 2.37 -3.00 -2.86
CA ALA A 185 1.76 -4.27 -2.49
C ALA A 185 2.24 -4.67 -1.09
N SER A 186 1.32 -5.08 -0.22
CA SER A 186 1.71 -5.28 1.17
C SER A 186 2.50 -6.56 1.43
N GLY A 187 2.52 -7.52 0.51
CA GLY A 187 3.32 -8.72 0.69
C GLY A 187 2.59 -10.00 0.32
N ASN A 188 3.37 -11.03 -0.01
CA ASN A 188 2.84 -12.33 -0.40
C ASN A 188 3.28 -13.45 0.54
N GLY A 189 3.61 -13.12 1.79
CA GLY A 189 4.19 -14.08 2.72
C GLY A 189 3.24 -14.82 3.64
N GLY A 190 1.96 -14.89 3.27
CA GLY A 190 0.98 -15.52 4.15
C GLY A 190 1.30 -16.96 4.52
N ARG A 191 1.80 -17.75 3.56
CA ARG A 191 2.09 -19.15 3.88
C ARG A 191 3.13 -19.26 4.97
N GLU A 192 4.05 -18.30 5.01
CA GLU A 192 5.11 -18.27 6.02
C GLU A 192 4.71 -17.49 7.26
N HIS A 193 3.42 -17.15 7.40
CA HIS A 193 2.91 -16.33 8.50
C HIS A 193 3.69 -15.03 8.67
N ASP A 194 4.05 -14.40 7.55
CA ASP A 194 4.74 -13.13 7.59
C ASP A 194 3.80 -12.01 8.07
N SER A 195 4.40 -10.96 8.62
CA SER A 195 3.70 -9.86 9.29
C SER A 195 4.28 -8.60 8.63
N CYS A 196 3.44 -7.84 7.89
CA CYS A 196 4.00 -6.93 6.90
C CYS A 196 4.53 -5.62 7.49
N ASN A 197 4.40 -5.36 8.80
CA ASN A 197 5.12 -4.21 9.32
C ASN A 197 6.63 -4.47 9.39
N CYS A 198 7.07 -5.71 9.17
CA CYS A 198 8.49 -6.04 9.09
C CYS A 198 9.11 -5.74 7.73
N ASP A 199 8.32 -5.15 6.82
CA ASP A 199 8.72 -4.73 5.49
C ASP A 199 8.66 -3.20 5.50
N GLY A 200 9.83 -2.57 5.51
CA GLY A 200 9.88 -1.12 5.67
C GLY A 200 9.38 -0.35 4.47
N TYR A 201 9.21 -0.99 3.32
CA TYR A 201 8.64 -0.30 2.17
C TYR A 201 7.13 -0.15 2.35
N THR A 202 6.44 -1.23 2.68
CA THR A 202 5.00 -1.11 2.89
C THR A 202 4.68 -0.42 4.22
N ASN A 203 5.52 -0.58 5.24
CA ASN A 203 5.35 0.06 6.54
C ASN A 203 5.60 1.56 6.52
N SER A 204 6.12 2.10 5.42
CA SER A 204 6.38 3.52 5.29
C SER A 204 5.08 4.33 5.25
N ILE A 205 5.10 5.53 5.84
CA ILE A 205 3.97 6.43 5.67
C ILE A 205 3.88 6.97 4.25
N TYR A 206 4.99 6.93 3.49
CA TYR A 206 5.07 7.55 2.17
C TYR A 206 4.53 6.63 1.09
N THR A 207 4.23 5.37 1.43
CA THR A 207 3.65 4.42 0.50
C THR A 207 2.21 4.15 0.90
N LEU A 208 1.36 4.03 -0.10
CA LEU A 208 -0.06 3.76 0.06
C LEU A 208 -0.18 2.25 -0.14
N SER A 209 -0.29 1.52 0.97
CA SER A 209 -0.12 0.08 0.93
C SER A 209 -1.44 -0.66 0.81
N ILE A 210 -1.42 -1.68 -0.05
CA ILE A 210 -2.63 -2.34 -0.55
C ILE A 210 -2.51 -3.84 -0.35
N SER A 211 -3.55 -4.44 0.23
CA SER A 211 -3.68 -5.89 0.38
C SER A 211 -4.75 -6.42 -0.57
N SER A 212 -5.01 -7.73 -0.47
CA SER A 212 -5.87 -8.44 -1.40
C SER A 212 -7.06 -9.10 -0.71
N ALA A 213 -8.12 -9.29 -1.50
CA ALA A 213 -9.26 -10.12 -1.13
C ALA A 213 -9.58 -11.06 -2.28
N THR A 214 -10.03 -12.27 -1.94
CA THR A 214 -10.41 -13.23 -2.97
C THR A 214 -11.80 -12.88 -3.52
N GLN A 215 -12.17 -13.54 -4.63
CA GLN A 215 -13.43 -13.23 -5.29
C GLN A 215 -14.62 -13.41 -4.34
N PHE A 216 -14.58 -14.45 -3.49
CA PHE A 216 -15.67 -14.73 -2.56
C PHE A 216 -15.55 -13.89 -1.28
N GLY A 217 -14.61 -12.96 -1.24
CA GLY A 217 -14.50 -12.03 -0.13
C GLY A 217 -13.68 -12.49 1.03
N ASN A 218 -12.70 -13.36 0.82
CA ASN A 218 -11.91 -13.91 1.91
C ASN A 218 -10.46 -13.46 1.85
N VAL A 219 -9.76 -13.74 2.96
CA VAL A 219 -8.34 -13.40 3.08
C VAL A 219 -7.55 -14.47 2.34
N PRO A 220 -6.87 -14.12 1.25
CA PRO A 220 -6.16 -15.14 0.46
C PRO A 220 -5.03 -15.79 1.25
N TRP A 221 -4.65 -16.99 0.78
CA TRP A 221 -3.59 -17.73 1.44
C TRP A 221 -2.30 -16.93 1.57
N TYR A 222 -2.01 -16.04 0.61
CA TYR A 222 -0.72 -15.34 0.56
C TYR A 222 -0.73 -14.03 1.35
N SER A 223 -1.86 -13.66 1.92
CA SER A 223 -1.99 -12.36 2.58
C SER A 223 -1.13 -12.24 3.83
N GLU A 224 -0.60 -11.05 4.05
CA GLU A 224 0.03 -10.66 5.30
C GLU A 224 -0.85 -9.61 5.98
N ALA A 225 -1.11 -9.82 7.26
CA ALA A 225 -1.82 -8.84 8.08
C ALA A 225 -0.80 -7.89 8.68
N CYS A 226 -1.14 -6.60 8.72
CA CYS A 226 -0.36 -5.65 9.52
C CYS A 226 -1.12 -4.33 9.63
N SER A 227 -0.71 -3.53 10.59
CA SER A 227 -1.39 -2.26 10.83
C SER A 227 -1.02 -1.17 9.84
N SER A 228 0.04 -1.34 9.06
CA SER A 228 0.41 -0.30 8.12
C SER A 228 -0.42 -0.30 6.84
N THR A 229 -1.13 -1.38 6.55
CA THR A 229 -1.93 -1.43 5.33
C THR A 229 -3.06 -0.41 5.38
N LEU A 230 -3.37 0.17 4.22
N LEU A 230 -3.35 0.20 4.22
CA LEU A 230 -4.41 1.18 4.15
CA LEU A 230 -4.41 1.20 4.15
C LEU A 230 -5.71 0.68 3.54
C LEU A 230 -5.72 0.66 3.56
N ALA A 231 -5.65 -0.17 2.51
CA ALA A 231 -6.86 -0.62 1.84
C ALA A 231 -6.58 -1.87 1.01
N THR A 232 -7.60 -2.29 0.26
CA THR A 232 -7.63 -3.60 -0.40
C THR A 232 -8.16 -3.49 -1.82
N THR A 233 -7.64 -4.33 -2.71
CA THR A 233 -8.31 -4.59 -3.97
C THR A 233 -8.39 -6.10 -4.18
N TYR A 234 -9.30 -6.51 -5.04
CA TYR A 234 -9.42 -7.92 -5.38
C TYR A 234 -8.17 -8.45 -6.06
N SER A 235 -7.89 -9.74 -5.81
CA SER A 235 -6.91 -10.51 -6.53
C SER A 235 -7.32 -11.98 -6.49
N SER A 236 -6.35 -12.89 -6.58
CA SER A 236 -6.61 -14.30 -6.72
C SER A 236 -6.85 -14.96 -5.36
N GLY A 237 -7.35 -16.20 -5.44
CA GLY A 237 -7.68 -17.01 -4.28
C GLY A 237 -7.51 -18.49 -4.58
N ASN A 238 -8.53 -19.29 -4.30
CA ASN A 238 -8.49 -20.72 -4.53
C ASN A 238 -8.84 -21.00 -6.00
N GLN A 239 -8.89 -22.27 -6.38
CA GLN A 239 -9.00 -22.56 -7.81
C GLN A 239 -10.43 -22.49 -8.32
N ASN A 240 -11.41 -22.29 -7.44
CA ASN A 240 -12.79 -22.02 -7.85
C ASN A 240 -13.05 -20.52 -8.03
N GLU A 241 -12.12 -19.69 -7.56
CA GLU A 241 -12.22 -18.24 -7.64
C GLU A 241 -11.44 -17.72 -8.85
N LYS A 242 -11.98 -16.68 -9.48
CA LYS A 242 -11.32 -16.12 -10.65
C LYS A 242 -10.09 -15.29 -10.24
N GLN A 243 -9.28 -14.92 -11.23
CA GLN A 243 -8.01 -14.23 -10.97
C GLN A 243 -8.02 -12.96 -11.81
N ILE A 244 -6.84 -12.34 -11.97
CA ILE A 244 -6.73 -11.05 -12.62
C ILE A 244 -6.35 -11.24 -14.08
N VAL A 245 -7.03 -10.50 -14.95
CA VAL A 245 -6.95 -10.65 -16.40
C VAL A 245 -6.19 -9.46 -16.94
N THR A 246 -5.11 -9.72 -17.67
CA THR A 246 -4.25 -8.61 -18.07
C THR A 246 -3.33 -9.01 -19.22
N THR A 247 -2.53 -8.04 -19.64
CA THR A 247 -1.53 -8.22 -20.68
C THR A 247 -0.38 -9.10 -20.19
N ASP A 248 0.11 -9.97 -21.07
CA ASP A 248 1.19 -10.88 -20.72
C ASP A 248 2.32 -10.76 -21.73
N LEU A 249 3.49 -11.24 -21.32
CA LEU A 249 4.68 -11.22 -22.17
C LEU A 249 4.41 -11.96 -23.48
N ARG A 250 5.12 -11.54 -24.53
CA ARG A 250 5.00 -12.10 -25.87
C ARG A 250 3.62 -11.80 -26.49
N GLN A 251 3.10 -10.61 -26.18
CA GLN A 251 1.93 -10.04 -26.84
C GLN A 251 0.69 -10.90 -26.62
N LYS A 252 0.62 -11.51 -25.45
CA LYS A 252 -0.45 -12.41 -25.05
C LYS A 252 -1.35 -11.77 -24.01
N CYS A 253 -2.38 -12.54 -23.61
N CYS A 253 -2.48 -12.43 -23.75
CA CYS A 253 -3.39 -12.14 -22.63
CA CYS A 253 -3.28 -12.14 -22.59
C CYS A 253 -3.54 -13.25 -21.60
C CYS A 253 -3.05 -13.24 -21.57
N THR A 254 -3.34 -12.92 -20.32
CA THR A 254 -3.41 -13.92 -19.26
C THR A 254 -4.67 -13.68 -18.44
N GLU A 255 -5.26 -14.78 -17.95
CA GLU A 255 -6.34 -14.71 -16.98
C GLU A 255 -5.88 -15.16 -15.60
N SER A 256 -4.57 -15.28 -15.38
N SER A 256 -4.56 -15.28 -15.38
CA SER A 256 -4.07 -15.93 -14.16
CA SER A 256 -4.03 -15.95 -14.19
C SER A 256 -2.98 -15.12 -13.49
C SER A 256 -2.98 -15.11 -13.48
N HIS A 257 -3.16 -13.80 -13.40
CA HIS A 257 -2.28 -12.96 -12.60
C HIS A 257 -2.79 -12.99 -11.16
N THR A 258 -1.85 -13.03 -10.21
CA THR A 258 -2.17 -13.42 -8.84
C THR A 258 -1.43 -12.57 -7.79
N GLY A 259 -1.88 -12.74 -6.53
CA GLY A 259 -1.17 -12.22 -5.38
C GLY A 259 -1.42 -10.75 -5.10
N THR A 260 -0.80 -10.29 -4.03
N THR A 260 -0.81 -10.25 -4.01
CA THR A 260 -0.85 -8.87 -3.73
CA THR A 260 -0.93 -8.81 -3.76
C THR A 260 -0.19 -8.05 -4.83
C THR A 260 -0.20 -8.02 -4.85
N SER A 261 0.71 -8.67 -5.59
CA SER A 261 1.36 -8.03 -6.72
C SER A 261 0.36 -7.54 -7.76
N ALA A 262 -0.79 -8.22 -7.88
CA ALA A 262 -1.84 -7.80 -8.79
C ALA A 262 -2.75 -6.74 -8.16
N SER A 263 -2.80 -6.65 -6.84
CA SER A 263 -3.67 -5.68 -6.20
C SER A 263 -3.12 -4.26 -6.28
N ALA A 264 -1.80 -4.08 -6.12
CA ALA A 264 -1.27 -2.73 -6.13
C ALA A 264 -1.51 -2.02 -7.45
N PRO A 265 -1.29 -2.66 -8.62
CA PRO A 265 -1.59 -1.96 -9.88
C PRO A 265 -3.04 -1.56 -10.03
N LEU A 266 -3.98 -2.40 -9.57
CA LEU A 266 -5.39 -2.02 -9.64
C LEU A 266 -5.63 -0.78 -8.80
N ALA A 267 -5.05 -0.73 -7.61
CA ALA A 267 -5.13 0.47 -6.79
C ALA A 267 -4.50 1.68 -7.49
N ALA A 268 -3.33 1.48 -8.12
CA ALA A 268 -2.70 2.59 -8.84
C ALA A 268 -3.62 3.13 -9.92
N GLY A 269 -4.33 2.24 -10.62
CA GLY A 269 -5.31 2.68 -11.60
C GLY A 269 -6.44 3.49 -11.01
N ILE A 270 -6.97 3.06 -9.87
CA ILE A 270 -8.04 3.82 -9.22
C ILE A 270 -7.53 5.18 -8.78
N ILE A 271 -6.31 5.21 -8.26
CA ILE A 271 -5.70 6.48 -7.84
C ILE A 271 -5.49 7.40 -9.04
N ALA A 272 -5.19 6.82 -10.21
CA ALA A 272 -5.10 7.65 -11.42
C ALA A 272 -6.44 8.28 -11.79
N LEU A 273 -7.53 7.51 -11.72
CA LEU A 273 -8.84 8.10 -11.99
C LEU A 273 -9.12 9.23 -11.01
N THR A 274 -8.78 9.02 -9.74
CA THR A 274 -8.98 10.02 -8.70
C THR A 274 -8.17 11.28 -8.97
N LEU A 275 -6.91 11.13 -9.38
N LEU A 275 -6.91 11.13 -9.39
CA LEU A 275 -6.08 12.30 -9.69
CA LEU A 275 -6.10 12.30 -9.68
C LEU A 275 -6.66 13.06 -10.87
C LEU A 275 -6.61 13.06 -10.91
N GLU A 276 -7.22 12.36 -11.87
CA GLU A 276 -7.82 13.06 -12.99
C GLU A 276 -8.96 13.95 -12.50
N ALA A 277 -9.72 13.45 -11.51
CA ALA A 277 -10.84 14.20 -10.95
C ALA A 277 -10.37 15.42 -10.16
N ASN A 278 -9.14 15.39 -9.63
CA ASN A 278 -8.60 16.56 -8.93
C ASN A 278 -7.07 16.49 -8.97
N LYS A 279 -6.49 17.20 -9.93
CA LYS A 279 -5.05 17.14 -10.14
C LYS A 279 -4.26 17.81 -9.03
N ASN A 280 -4.92 18.55 -8.15
N ASN A 280 -4.91 18.57 -8.15
CA ASN A 280 -4.24 19.28 -7.08
CA ASN A 280 -4.23 19.28 -7.08
C ASN A 280 -4.10 18.47 -5.80
C ASN A 280 -4.25 18.52 -5.76
N LEU A 281 -4.61 17.24 -5.78
CA LEU A 281 -4.49 16.41 -4.58
C LEU A 281 -3.04 16.14 -4.21
N THR A 282 -2.71 16.29 -2.92
CA THR A 282 -1.37 15.97 -2.45
C THR A 282 -1.27 14.48 -2.13
N TRP A 283 -0.03 14.03 -1.86
CA TRP A 283 0.17 12.63 -1.48
C TRP A 283 -0.60 12.28 -0.21
N ARG A 284 -0.72 13.22 0.73
CA ARG A 284 -1.52 12.95 1.93
C ARG A 284 -3.03 13.02 1.65
N ASP A 285 -3.47 13.99 0.83
CA ASP A 285 -4.88 14.03 0.43
C ASP A 285 -5.33 12.67 -0.09
N MET A 286 -4.50 12.04 -0.92
CA MET A 286 -4.88 10.78 -1.55
C MET A 286 -5.07 9.69 -0.50
N GLN A 287 -4.23 9.68 0.54
CA GLN A 287 -4.43 8.69 1.60
C GLN A 287 -5.70 8.98 2.38
N HIS A 288 -6.00 10.26 2.64
CA HIS A 288 -7.27 10.61 3.29
C HIS A 288 -8.46 10.10 2.48
N LEU A 289 -8.44 10.27 1.16
CA LEU A 289 -9.57 9.84 0.35
C LEU A 289 -9.75 8.33 0.45
N VAL A 290 -8.65 7.57 0.46
CA VAL A 290 -8.74 6.13 0.61
C VAL A 290 -9.37 5.76 1.95
N VAL A 291 -8.93 6.41 3.02
CA VAL A 291 -9.49 6.11 4.34
C VAL A 291 -10.99 6.37 4.35
N GLN A 292 -11.42 7.50 3.78
CA GLN A 292 -12.82 7.89 3.92
C GLN A 292 -13.76 7.05 3.06
N THR A 293 -13.29 6.54 1.91
CA THR A 293 -14.19 5.97 0.92
C THR A 293 -14.14 4.45 0.82
N SER A 294 -13.15 3.79 1.41
CA SER A 294 -13.01 2.35 1.25
C SER A 294 -14.08 1.62 2.04
N LYS A 295 -14.43 0.43 1.57
CA LYS A 295 -15.66 -0.24 1.99
C LYS A 295 -15.38 -1.61 2.61
N PRO A 296 -15.73 -1.81 3.88
CA PRO A 296 -15.58 -3.16 4.45
C PRO A 296 -16.57 -4.19 3.95
N ALA A 297 -17.72 -3.77 3.41
CA ALA A 297 -18.85 -4.67 3.31
C ALA A 297 -18.48 -5.95 2.57
N HIS A 298 -18.86 -7.08 3.15
CA HIS A 298 -18.72 -8.40 2.55
C HIS A 298 -17.27 -8.86 2.43
N LEU A 299 -16.31 -8.15 3.00
CA LEU A 299 -14.98 -8.70 3.21
C LEU A 299 -14.97 -9.42 4.54
N ASN A 300 -14.60 -10.71 4.53
CA ASN A 300 -14.64 -11.54 5.73
C ASN A 300 -13.30 -11.54 6.44
N ALA A 301 -13.31 -11.18 7.73
CA ALA A 301 -12.14 -11.27 8.58
C ALA A 301 -12.60 -11.36 10.02
N ASN A 302 -11.79 -11.97 10.87
CA ASN A 302 -12.19 -12.11 12.26
C ASN A 302 -11.76 -10.92 13.12
N ASP A 303 -11.08 -9.93 12.53
CA ASP A 303 -10.53 -8.84 13.34
C ASP A 303 -11.10 -7.47 12.99
N TRP A 304 -12.25 -7.40 12.32
CA TRP A 304 -12.84 -6.09 12.06
C TRP A 304 -13.14 -5.40 13.39
N ALA A 305 -12.70 -4.16 13.51
CA ALA A 305 -12.91 -3.40 14.73
C ALA A 305 -13.24 -1.97 14.36
N THR A 306 -14.10 -1.35 15.15
CA THR A 306 -14.47 0.05 14.94
C THR A 306 -13.52 0.93 15.72
N ASN A 307 -12.90 1.89 15.02
CA ASN A 307 -11.92 2.75 15.67
C ASN A 307 -12.62 3.94 16.33
N GLY A 308 -11.84 4.94 16.73
CA GLY A 308 -12.38 5.98 17.57
C GLY A 308 -13.23 7.00 16.86
N VAL A 309 -13.20 7.01 15.53
CA VAL A 309 -14.03 7.88 14.75
C VAL A 309 -15.06 7.08 13.94
N GLY A 310 -15.34 5.85 14.38
CA GLY A 310 -16.43 5.06 13.85
C GLY A 310 -16.16 4.31 12.57
N ARG A 311 -14.92 4.25 12.12
CA ARG A 311 -14.60 3.52 10.89
C ARG A 311 -14.17 2.10 11.24
N LYS A 312 -14.62 1.13 10.45
CA LYS A 312 -14.18 -0.25 10.61
C LYS A 312 -12.82 -0.44 9.96
N VAL A 313 -11.94 -1.18 10.63
N VAL A 313 -11.93 -1.13 10.67
CA VAL A 313 -10.59 -1.40 10.13
CA VAL A 313 -10.58 -1.41 10.18
C VAL A 313 -10.14 -2.81 10.51
C VAL A 313 -10.23 -2.87 10.47
N SER A 314 -9.43 -3.45 9.57
CA SER A 314 -8.91 -4.81 9.72
C SER A 314 -7.42 -4.78 9.38
N HIS A 315 -6.65 -5.66 10.03
CA HIS A 315 -5.24 -5.78 9.69
C HIS A 315 -5.04 -6.53 8.37
N SER A 316 -6.04 -7.27 7.90
CA SER A 316 -5.94 -7.91 6.59
C SER A 316 -6.30 -6.97 5.45
N TYR A 317 -7.17 -6.00 5.72
CA TYR A 317 -7.77 -5.21 4.66
C TYR A 317 -7.62 -3.70 4.81
N GLY A 318 -7.04 -3.22 5.89
CA GLY A 318 -7.09 -1.80 6.17
C GLY A 318 -8.53 -1.35 6.29
N TYR A 319 -8.88 -0.26 5.61
CA TYR A 319 -10.22 0.30 5.65
C TYR A 319 -11.17 -0.40 4.69
N GLY A 320 -10.70 -1.40 3.96
CA GLY A 320 -11.58 -2.16 3.11
C GLY A 320 -11.28 -2.03 1.64
N LEU A 321 -12.27 -2.42 0.83
N LEU A 321 -12.26 -2.39 0.83
CA LEU A 321 -12.14 -2.40 -0.62
CA LEU A 321 -12.11 -2.42 -0.62
C LEU A 321 -12.11 -0.98 -1.15
C LEU A 321 -12.15 -1.02 -1.19
N LEU A 322 -11.18 -0.70 -2.05
CA LEU A 322 -11.25 0.56 -2.78
C LEU A 322 -12.55 0.66 -3.58
N ASP A 323 -13.06 1.88 -3.66
CA ASP A 323 -14.33 2.20 -4.31
C ASP A 323 -14.05 3.36 -5.26
N ALA A 324 -13.87 3.04 -6.54
CA ALA A 324 -13.41 4.05 -7.49
C ALA A 324 -14.44 5.17 -7.68
N GLY A 325 -15.72 4.82 -7.80
CA GLY A 325 -16.73 5.84 -7.95
C GLY A 325 -16.76 6.80 -6.78
N ALA A 326 -16.60 6.27 -5.56
CA ALA A 326 -16.63 7.12 -4.38
C ALA A 326 -15.39 7.97 -4.29
N MET A 327 -14.24 7.40 -4.68
CA MET A 327 -12.99 8.16 -4.70
C MET A 327 -13.09 9.37 -5.63
N VAL A 328 -13.55 9.17 -6.87
CA VAL A 328 -13.57 10.28 -7.81
C VAL A 328 -14.61 11.31 -7.38
N ALA A 329 -15.72 10.87 -6.78
CA ALA A 329 -16.75 11.80 -6.35
C ALA A 329 -16.23 12.70 -5.22
N LEU A 330 -15.56 12.10 -4.23
CA LEU A 330 -15.07 12.87 -3.09
C LEU A 330 -13.90 13.76 -3.47
N ALA A 331 -13.10 13.34 -4.45
CA ALA A 331 -11.95 14.13 -4.87
C ALA A 331 -12.34 15.48 -5.44
N GLN A 332 -13.48 15.55 -6.10
CA GLN A 332 -13.77 16.71 -6.94
C GLN A 332 -13.75 18.01 -6.14
N ASN A 333 -14.40 18.02 -4.96
CA ASN A 333 -14.45 19.24 -4.15
C ASN A 333 -13.62 19.14 -2.89
N TRP A 334 -12.65 18.22 -2.86
CA TRP A 334 -11.81 18.03 -1.70
C TRP A 334 -11.00 19.29 -1.37
N THR A 335 -11.01 19.66 -0.08
CA THR A 335 -10.18 20.75 0.43
C THR A 335 -8.83 20.18 0.88
N THR A 336 -7.75 20.74 0.33
CA THR A 336 -6.40 20.29 0.68
C THR A 336 -6.20 20.28 2.18
N VAL A 337 -5.63 19.19 2.68
CA VAL A 337 -5.39 19.12 4.13
C VAL A 337 -4.30 20.11 4.53
N ALA A 338 -4.31 20.45 5.81
CA ALA A 338 -3.33 21.37 6.34
C ALA A 338 -1.94 20.74 6.34
N PRO A 339 -0.91 21.57 6.51
CA PRO A 339 0.45 21.02 6.49
C PRO A 339 0.65 19.96 7.57
N GLN A 340 1.48 18.98 7.24
CA GLN A 340 1.71 17.85 8.12
C GLN A 340 2.52 18.26 9.34
N ARG A 341 1.99 17.97 10.52
CA ARG A 341 2.69 18.14 11.79
C ARG A 341 3.28 16.80 12.22
N LYS A 342 4.32 16.87 13.06
CA LYS A 342 5.00 15.70 13.59
C LYS A 342 5.31 15.96 15.06
N CYS A 343 4.74 15.15 15.95
CA CYS A 343 4.93 15.29 17.39
C CYS A 343 5.71 14.08 17.89
N ILE A 344 6.89 14.34 18.44
CA ILE A 344 7.85 13.32 18.89
C ILE A 344 7.78 13.20 20.40
N ILE A 345 7.48 11.99 20.90
CA ILE A 345 7.36 11.76 22.34
C ILE A 345 8.27 10.60 22.72
N ASP A 346 9.35 10.90 23.45
CA ASP A 346 10.24 9.87 23.98
C ASP A 346 9.63 9.33 25.26
N ILE A 347 9.28 8.04 25.27
CA ILE A 347 8.37 7.51 26.29
C ILE A 347 9.12 7.03 27.53
N LEU A 348 10.19 6.27 27.39
CA LEU A 348 10.79 5.61 28.54
C LEU A 348 11.72 6.52 29.33
N THR A 349 11.74 6.36 30.65
CA THR A 349 12.75 6.99 31.48
C THR A 349 13.82 6.00 31.96
N GLU A 350 13.65 4.71 31.65
CA GLU A 350 14.60 3.67 31.99
C GLU A 350 14.33 2.49 31.07
N PRO A 351 15.33 1.64 30.81
CA PRO A 351 15.05 0.40 30.07
C PRO A 351 14.12 -0.51 30.85
N LYS A 352 13.38 -1.34 30.12
CA LYS A 352 12.36 -2.22 30.69
C LYS A 352 12.63 -3.65 30.27
N ASP A 353 12.74 -4.54 31.26
CA ASP A 353 12.83 -5.97 30.99
C ASP A 353 11.55 -6.47 30.34
N ILE A 354 11.66 -7.27 29.29
CA ILE A 354 10.47 -7.79 28.63
C ILE A 354 9.96 -9.06 29.29
N GLY A 355 10.82 -10.04 29.50
CA GLY A 355 10.36 -11.27 30.11
C GLY A 355 9.21 -11.88 29.33
N LYS A 356 8.22 -12.39 30.08
CA LYS A 356 7.03 -13.00 29.49
C LYS A 356 6.07 -11.98 28.92
N ARG A 357 6.08 -10.77 29.47
N ARG A 357 6.04 -10.79 29.51
CA ARG A 357 5.07 -9.78 29.13
CA ARG A 357 5.06 -9.78 29.14
C ARG A 357 5.47 -8.44 29.71
C ARG A 357 5.51 -8.44 29.70
N LEU A 358 5.35 -7.39 28.90
CA LEU A 358 5.63 -6.02 29.33
C LEU A 358 4.50 -5.13 28.84
N GLU A 359 4.04 -4.24 29.72
CA GLU A 359 3.09 -3.20 29.37
C GLU A 359 3.69 -1.85 29.74
N VAL A 360 3.69 -0.92 28.79
CA VAL A 360 4.15 0.45 29.02
C VAL A 360 2.98 1.38 28.74
N ARG A 361 2.58 2.15 29.75
N ARG A 361 2.56 2.13 29.76
CA ARG A 361 1.50 3.11 29.61
CA ARG A 361 1.50 3.12 29.62
C ARG A 361 2.07 4.51 29.75
C ARG A 361 2.11 4.52 29.72
N LYS A 362 1.65 5.42 28.87
CA LYS A 362 2.05 6.82 28.98
C LYS A 362 0.90 7.71 28.54
N THR A 363 0.60 8.73 29.34
CA THR A 363 -0.39 9.74 28.98
C THR A 363 0.32 10.92 28.35
N VAL A 364 -0.09 11.29 27.14
CA VAL A 364 0.61 12.30 26.34
C VAL A 364 -0.33 13.46 26.06
N THR A 365 0.26 14.64 25.82
CA THR A 365 -0.50 15.81 25.42
C THR A 365 -0.39 16.11 23.93
N ALA A 366 0.35 15.31 23.18
CA ALA A 366 0.45 15.45 21.72
C ALA A 366 0.89 16.86 21.32
N CYS A 367 1.93 17.34 22.01
CA CYS A 367 2.60 18.61 21.68
C CYS A 367 1.67 19.80 21.87
N LEU A 368 0.84 19.72 22.90
CA LEU A 368 -0.02 20.83 23.28
C LEU A 368 0.77 22.12 23.44
N GLY A 369 0.23 23.21 22.89
CA GLY A 369 0.86 24.50 22.99
C GLY A 369 1.99 24.76 22.03
N GLU A 370 2.33 23.80 21.17
CA GLU A 370 3.41 23.89 20.20
C GLU A 370 2.87 23.91 18.76
N PRO A 371 3.70 24.34 17.80
CA PRO A 371 3.27 24.29 16.40
C PRO A 371 3.00 22.89 15.87
N ASN A 372 3.51 21.86 16.53
CA ASN A 372 3.25 20.50 16.11
C ASN A 372 2.15 19.82 16.92
N HIS A 373 1.36 20.60 17.65
CA HIS A 373 0.16 20.06 18.29
C HIS A 373 -0.71 19.33 17.29
N ILE A 374 -1.08 18.08 17.61
CA ILE A 374 -1.92 17.26 16.74
C ILE A 374 -3.19 16.90 17.50
N THR A 375 -4.35 17.28 16.93
CA THR A 375 -5.64 16.79 17.41
C THR A 375 -6.30 15.83 16.45
N ARG A 376 -5.75 15.69 15.23
CA ARG A 376 -6.29 14.83 14.18
C ARG A 376 -5.13 13.99 13.65
N LEU A 377 -5.07 12.74 14.08
CA LEU A 377 -3.97 11.87 13.70
C LEU A 377 -4.07 11.43 12.24
N GLU A 378 -2.92 11.23 11.61
CA GLU A 378 -2.83 10.48 10.34
C GLU A 378 -2.16 9.16 10.72
N HIS A 379 -0.90 8.98 10.33
CA HIS A 379 -0.12 7.83 10.75
C HIS A 379 0.39 8.01 12.17
N ALA A 380 0.55 6.89 12.88
CA ALA A 380 1.30 6.86 14.13
C ALA A 380 2.34 5.76 14.06
N GLN A 381 3.50 6.02 14.68
CA GLN A 381 4.57 5.04 14.77
C GLN A 381 4.96 4.82 16.22
N ALA A 382 5.27 3.58 16.56
CA ALA A 382 5.99 3.23 17.77
C ALA A 382 7.37 2.80 17.32
N ARG A 383 8.37 3.67 17.48
CA ARG A 383 9.73 3.36 17.05
C ARG A 383 10.41 2.66 18.24
N LEU A 384 10.67 1.36 18.08
CA LEU A 384 11.12 0.53 19.17
C LEU A 384 12.54 0.04 18.96
N THR A 385 13.32 0.11 20.03
CA THR A 385 14.64 -0.52 20.10
C THR A 385 14.59 -1.54 21.23
N LEU A 386 14.85 -2.80 20.90
CA LEU A 386 14.79 -3.85 21.91
C LEU A 386 15.68 -5.01 21.49
N SER A 387 16.15 -5.73 22.51
CA SER A 387 16.81 -7.03 22.35
C SER A 387 15.84 -8.14 22.75
N TYR A 388 15.97 -9.28 22.08
CA TYR A 388 15.21 -10.47 22.45
C TYR A 388 15.95 -11.67 21.88
N ASN A 389 15.81 -12.81 22.55
CA ASN A 389 16.56 -13.98 22.10
C ASN A 389 15.91 -14.70 20.91
N ARG A 390 14.59 -14.60 20.74
CA ARG A 390 13.92 -15.24 19.61
C ARG A 390 12.83 -14.29 19.12
N ARG A 391 13.13 -13.53 18.07
CA ARG A 391 12.29 -12.37 17.72
C ARG A 391 10.87 -12.78 17.38
N GLY A 392 10.70 -13.88 16.66
CA GLY A 392 9.40 -14.29 16.17
C GLY A 392 8.44 -14.76 17.24
N ASP A 393 8.90 -14.93 18.47
CA ASP A 393 7.99 -15.25 19.54
C ASP A 393 7.28 -14.00 20.07
N LEU A 394 7.74 -12.81 19.70
CA LEU A 394 7.11 -11.57 20.16
C LEU A 394 5.81 -11.26 19.41
N ALA A 395 4.81 -10.80 20.15
CA ALA A 395 3.69 -10.06 19.58
C ALA A 395 3.63 -8.70 20.28
N ILE A 396 3.37 -7.66 19.50
CA ILE A 396 3.39 -6.28 19.98
C ILE A 396 2.09 -5.59 19.58
N HIS A 397 1.46 -4.93 20.53
CA HIS A 397 0.25 -4.15 20.29
C HIS A 397 0.41 -2.74 20.81
N LEU A 398 -0.28 -1.80 20.15
CA LEU A 398 -0.34 -0.40 20.57
C LEU A 398 -1.81 0.01 20.64
N VAL A 399 -2.23 0.54 21.79
CA VAL A 399 -3.60 0.95 22.00
C VAL A 399 -3.65 2.48 22.11
N SER A 400 -4.49 3.10 21.30
CA SER A 400 -4.65 4.55 21.29
C SER A 400 -5.56 5.00 22.43
N PRO A 401 -5.53 6.30 22.76
CA PRO A 401 -6.44 6.81 23.79
C PRO A 401 -7.90 6.53 23.53
N MET A 402 -8.29 6.40 22.25
N MET A 402 -8.30 6.42 22.26
CA MET A 402 -9.67 6.09 21.89
CA MET A 402 -9.69 6.12 21.95
C MET A 402 -9.98 4.61 21.96
C MET A 402 -9.94 4.62 21.84
N GLY A 403 -9.02 3.79 22.33
CA GLY A 403 -9.25 2.36 22.50
C GLY A 403 -8.95 1.49 21.30
N THR A 404 -8.32 2.03 20.27
CA THR A 404 -8.07 1.28 19.05
C THR A 404 -6.80 0.45 19.23
N ARG A 405 -6.96 -0.87 19.16
CA ARG A 405 -5.84 -1.79 19.35
C ARG A 405 -5.22 -2.09 18.00
N SER A 406 -4.02 -1.57 17.78
CA SER A 406 -3.25 -1.86 16.59
C SER A 406 -2.25 -2.97 16.89
N THR A 407 -2.27 -4.01 16.08
CA THR A 407 -1.21 -5.01 16.14
C THR A 407 -0.01 -4.46 15.38
N LEU A 408 1.08 -4.17 16.11
CA LEU A 408 2.31 -3.74 15.47
C LEU A 408 3.12 -4.93 14.95
N LEU A 409 3.02 -6.08 15.60
CA LEU A 409 3.78 -7.27 15.22
C LEU A 409 3.02 -8.49 15.72
N ALA A 410 2.76 -9.44 14.83
CA ALA A 410 2.23 -10.73 15.22
C ALA A 410 3.38 -11.74 15.29
N ALA A 411 3.15 -12.81 16.05
CA ALA A 411 4.14 -13.88 16.13
C ALA A 411 4.49 -14.37 14.74
N ARG A 412 5.78 -14.57 14.50
CA ARG A 412 6.30 -15.09 13.23
C ARG A 412 7.05 -16.38 13.53
N PRO A 413 6.43 -17.54 13.31
CA PRO A 413 7.04 -18.80 13.75
C PRO A 413 8.41 -19.08 13.17
N HIS A 414 8.72 -18.57 11.98
CA HIS A 414 10.01 -18.84 11.35
C HIS A 414 11.11 -17.85 11.71
N ASP A 415 10.80 -16.79 12.45
CA ASP A 415 11.79 -15.75 12.76
C ASP A 415 12.52 -16.12 14.04
N TYR A 416 13.68 -16.77 13.87
CA TYR A 416 14.52 -17.21 14.98
C TYR A 416 15.57 -16.17 15.37
N SER A 417 15.55 -14.99 14.75
CA SER A 417 16.63 -14.03 14.91
C SER A 417 16.83 -13.62 16.37
N ALA A 418 18.09 -13.45 16.74
CA ALA A 418 18.45 -12.88 18.03
C ALA A 418 18.83 -11.40 17.93
N ASP A 419 18.53 -10.75 16.81
CA ASP A 419 18.98 -9.39 16.55
C ASP A 419 17.97 -8.32 16.96
N GLY A 420 16.78 -8.70 17.38
CA GLY A 420 15.83 -7.73 17.92
C GLY A 420 15.42 -6.68 16.90
N PHE A 421 15.08 -5.49 17.39
CA PHE A 421 14.64 -4.37 16.57
C PHE A 421 15.49 -3.16 16.90
N ASN A 422 16.02 -2.51 15.88
CA ASN A 422 16.90 -1.35 16.05
C ASN A 422 16.17 -0.11 15.54
N ASP A 423 15.50 0.57 16.47
CA ASP A 423 14.71 1.76 16.16
C ASP A 423 13.77 1.50 14.97
N TRP A 424 13.04 0.38 15.05
CA TRP A 424 12.14 0.01 13.96
C TRP A 424 10.82 0.75 14.13
N ALA A 425 10.39 1.47 13.08
CA ALA A 425 9.25 2.38 13.19
C ALA A 425 7.93 1.69 12.79
N PHE A 426 7.48 0.80 13.67
CA PHE A 426 6.20 0.12 13.44
C PHE A 426 5.10 1.15 13.23
N MET A 427 4.31 1.01 12.17
CA MET A 427 3.35 2.05 11.81
C MET A 427 1.92 1.52 11.77
N THR A 428 1.00 2.34 12.27
CA THR A 428 -0.42 2.02 12.16
C THR A 428 -1.22 3.14 11.49
N THR A 429 -2.12 2.73 10.59
CA THR A 429 -3.12 3.62 9.99
C THR A 429 -4.46 3.56 10.72
N HIS A 430 -4.60 2.69 11.71
CA HIS A 430 -5.92 2.38 12.26
C HIS A 430 -6.50 3.47 13.18
N SER A 431 -5.70 4.45 13.59
CA SER A 431 -6.17 5.53 14.43
C SER A 431 -6.30 6.84 13.64
N TRP A 432 -6.28 6.77 12.32
CA TRP A 432 -6.49 7.93 11.47
C TRP A 432 -7.72 8.71 11.89
N ASP A 433 -7.54 10.04 12.04
CA ASP A 433 -8.53 11.04 12.41
C ASP A 433 -8.87 11.03 13.90
N GLU A 434 -8.31 10.12 14.69
CA GLU A 434 -8.48 10.18 16.14
C GLU A 434 -7.68 11.33 16.74
N ASP A 435 -8.14 11.80 17.90
CA ASP A 435 -7.37 12.71 18.74
C ASP A 435 -6.37 11.87 19.55
N PRO A 436 -5.07 12.08 19.38
CA PRO A 436 -4.05 11.24 20.06
C PRO A 436 -3.69 11.68 21.47
N SER A 437 -4.35 12.69 22.01
CA SER A 437 -4.14 13.07 23.39
C SER A 437 -4.69 12.00 24.32
N GLY A 438 -3.98 11.73 25.42
CA GLY A 438 -4.43 10.76 26.40
C GLY A 438 -3.47 9.61 26.57
N GLU A 439 -3.97 8.49 27.08
CA GLU A 439 -3.12 7.36 27.45
C GLU A 439 -2.93 6.41 26.26
N TRP A 440 -1.68 6.18 25.89
CA TRP A 440 -1.28 5.14 24.95
C TRP A 440 -0.73 3.96 25.74
N VAL A 441 -0.96 2.74 25.23
CA VAL A 441 -0.49 1.52 25.88
C VAL A 441 0.28 0.70 24.86
N LEU A 442 1.52 0.35 25.20
CA LEU A 442 2.32 -0.59 24.42
C LEU A 442 2.33 -1.92 25.15
N GLU A 443 1.97 -2.99 24.43
CA GLU A 443 2.01 -4.35 24.95
C GLU A 443 3.06 -5.13 24.17
N ILE A 444 3.97 -5.79 24.89
CA ILE A 444 4.93 -6.72 24.30
C ILE A 444 4.76 -8.05 25.02
N GLU A 445 4.51 -9.12 24.26
CA GLU A 445 4.20 -10.42 24.83
C GLU A 445 5.06 -11.51 24.20
N ASN A 446 5.53 -12.44 25.04
CA ASN A 446 6.11 -13.69 24.58
C ASN A 446 4.98 -14.68 24.34
N THR A 447 4.74 -15.02 23.05
CA THR A 447 3.63 -15.88 22.69
C THR A 447 3.97 -17.36 22.84
N SER A 448 5.21 -17.68 23.18
CA SER A 448 5.60 -19.07 23.37
C SER A 448 5.70 -19.40 24.85
N GLU A 449 5.82 -20.69 25.14
CA GLU A 449 6.06 -21.16 26.49
C GLU A 449 7.54 -21.19 26.84
N ALA A 450 8.41 -20.78 25.93
CA ALA A 450 9.84 -20.80 26.21
C ALA A 450 10.22 -19.65 27.14
N ASN A 451 11.29 -19.87 27.90
CA ASN A 451 11.79 -18.84 28.81
C ASN A 451 12.68 -17.88 28.02
N ASN A 452 12.02 -17.00 27.27
CA ASN A 452 12.69 -15.99 26.47
C ASN A 452 12.99 -14.75 27.30
N TYR A 453 13.87 -13.90 26.78
CA TYR A 453 14.38 -12.78 27.56
C TYR A 453 14.88 -11.66 26.66
N GLY A 454 14.83 -10.45 27.18
CA GLY A 454 15.31 -9.29 26.47
C GLY A 454 14.87 -8.02 27.16
N THR A 455 15.20 -6.90 26.52
CA THR A 455 15.05 -5.58 27.12
C THR A 455 14.58 -4.58 26.08
N LEU A 456 13.57 -3.78 26.44
CA LEU A 456 13.14 -2.64 25.63
C LEU A 456 13.94 -1.43 26.10
N THR A 457 14.71 -0.82 25.19
CA THR A 457 15.57 0.30 25.59
C THR A 457 15.12 1.65 25.05
N LYS A 458 14.27 1.69 24.04
CA LYS A 458 13.75 2.94 23.53
C LYS A 458 12.37 2.72 22.92
N PHE A 459 11.45 3.63 23.23
CA PHE A 459 10.11 3.67 22.67
C PHE A 459 9.81 5.12 22.37
N THR A 460 9.86 5.49 21.09
CA THR A 460 9.46 6.82 20.64
C THR A 460 8.09 6.70 20.01
N LEU A 461 7.12 7.44 20.55
CA LEU A 461 5.82 7.56 19.91
C LEU A 461 5.88 8.75 18.97
N VAL A 462 5.69 8.50 17.67
CA VAL A 462 5.73 9.56 16.67
C VAL A 462 4.34 9.70 16.09
N LEU A 463 3.75 10.88 16.29
CA LEU A 463 2.43 11.22 15.78
C LEU A 463 2.57 12.16 14.60
N TYR A 464 1.87 11.84 13.52
CA TYR A 464 1.72 12.72 12.38
C TYR A 464 0.27 13.15 12.27
N GLY A 465 0.04 14.36 11.77
CA GLY A 465 -1.35 14.78 11.55
C GLY A 465 -1.49 16.29 11.56
N THR A 466 -2.71 16.75 11.89
CA THR A 466 -3.02 18.16 11.84
C THR A 466 -3.82 18.54 13.09
N ALA A 467 -4.32 19.78 13.11
CA ALA A 467 -5.14 20.25 14.21
C ALA A 467 -6.37 20.98 13.70
N SER A 468 -6.90 20.55 12.55
CA SER A 468 -8.08 21.21 11.99
C SER A 468 -8.79 20.29 11.01
N GLY A 469 -10.08 20.53 10.82
CA GLY A 469 -10.83 19.99 9.70
C GLY A 469 -11.52 18.66 9.89
N SER A 470 -11.84 18.26 11.12
CA SER A 470 -12.40 16.93 11.34
C SER A 470 -13.86 16.85 10.87
N LEU A 471 -14.24 15.64 10.47
CA LEU A 471 -15.62 15.29 10.17
C LEU A 471 -16.29 14.74 11.43
N VAL A 472 -17.61 14.82 11.46
CA VAL A 472 -18.36 14.09 12.49
C VAL A 472 -18.04 12.61 12.39
N PRO A 473 -17.81 11.90 13.50
CA PRO A 473 -17.48 10.47 13.40
C PRO A 473 -18.54 9.68 12.64
N ARG A 474 -18.09 8.64 11.95
CA ARG A 474 -18.96 7.77 11.15
C ARG A 474 -20.05 7.10 12.00
C1 BEN B . 6.21 -7.90 -1.68
C2 BEN B . 7.05 -8.85 -2.24
C3 BEN B . 6.68 -9.55 -3.39
C4 BEN B . 5.45 -9.30 -3.98
C5 BEN B . 4.59 -8.35 -3.44
C6 BEN B . 4.98 -7.66 -2.29
C BEN B . 6.60 -7.19 -0.53
N1 BEN B . 7.56 -7.70 0.25
N2 BEN B . 6.01 -6.01 -0.26
H2 BEN B . 8.02 -9.06 -1.78
H3 BEN B . 7.36 -10.30 -3.82
H4 BEN B . 5.16 -9.85 -4.88
H5 BEN B . 3.63 -8.15 -3.90
H6 BEN B . 4.30 -6.91 -1.86
HN1 BEN B . 7.87 -7.21 1.06
HN21 BEN B . 6.29 -5.49 0.55
HN22 BEN B . 5.29 -5.66 -0.86
HAJ BEN B . 7.98 -8.58 0.02
C1 BEN C . -2.01 -17.46 8.79
C2 BEN C . -1.08 -16.41 8.65
C3 BEN C . -0.69 -15.67 9.76
C4 BEN C . -1.20 -15.97 11.02
C5 BEN C . -2.10 -17.02 11.17
C6 BEN C . -2.50 -17.77 10.06
C BEN C . -2.38 -18.21 7.68
N1 BEN C . -1.50 -18.30 6.68
N2 BEN C . -3.56 -18.84 7.65
H2 BEN C . -0.68 -16.18 7.67
H3 BEN C . 0.03 -14.85 9.64
H4 BEN C . -0.89 -15.39 11.89
H5 BEN C . -2.49 -17.26 12.15
H6 BEN C . -3.20 -18.58 10.18
HN1 BEN C . -1.71 -18.86 5.87
HN21 BEN C . -3.81 -19.40 6.85
HN22 BEN C . -4.19 -18.75 8.41
HAJ BEN C . -0.62 -17.82 6.73
CA CA D . 17.18 -1.76 -22.01
CA CA E . -7.83 -4.02 -24.74
CA CA F . 6.42 -9.61 3.86
NA NA G . 2.73 2.26 3.45
NA NA H . -7.72 12.20 24.45
NA NA I . 17.43 -2.59 3.04
CL CL J . 9.46 12.76 9.20
S DMS K . 15.84 -4.96 12.77
O DMS K . 15.55 -3.58 13.30
C1 DMS K . 16.43 -4.77 11.06
C2 DMS K . 17.38 -5.57 13.53
H11 DMS K . 16.71 -5.71 10.67
H12 DMS K . 17.26 -4.11 11.05
H13 DMS K . 15.65 -4.35 10.47
H21 DMS K . 17.53 -6.58 13.25
H22 DMS K . 17.29 -5.51 14.59
H23 DMS K . 18.19 -4.99 13.21
S DMS L . -8.88 -14.16 9.26
O DMS L . -9.98 -13.26 9.69
C1 DMS L . -7.40 -13.33 9.88
C2 DMS L . -8.83 -15.56 10.40
H11 DMS L . -7.29 -12.39 9.40
H12 DMS L . -6.54 -13.93 9.66
H13 DMS L . -7.48 -13.20 10.93
H21 DMS L . -9.75 -16.10 10.33
H22 DMS L . -8.70 -15.22 11.38
H23 DMS L . -8.04 -16.21 10.13
C1 NAG M . -3.98 23.71 -4.94
C2 NAG M . -4.52 25.02 -5.55
C3 NAG M . -3.84 26.23 -4.91
C4 NAG M . -3.90 26.16 -3.40
C5 NAG M . -3.37 24.80 -2.91
C6 NAG M . -3.50 24.63 -1.42
C7 NAG M . -5.31 24.77 -7.86
C8 NAG M . -4.92 24.81 -9.31
N2 NAG M . -4.33 25.03 -6.99
O3 NAG M . -4.52 27.41 -5.35
O4 NAG M . -3.09 27.19 -2.83
O5 NAG M . -4.12 23.75 -3.52
O6 NAG M . -4.85 24.68 -0.99
O7 NAG M . -6.44 24.50 -7.51
H1 NAG M . -3.04 23.62 -5.17
H2 NAG M . -5.48 25.07 -5.34
H3 NAG M . -2.91 26.25 -5.19
H4 NAG M . -4.82 26.26 -3.10
H5 NAG M . -2.44 24.71 -3.16
H61 NAG M . -2.99 25.34 -0.97
H62 NAG M . -3.12 23.77 -1.17
H81 NAG M . -5.70 24.60 -9.86
H82 NAG M . -4.21 24.16 -9.49
H83 NAG M . -4.60 25.71 -9.53
HN2 NAG M . -3.50 25.23 -7.31
HO3 NAG M . -4.22 28.12 -4.90
HO4 NAG M . -3.53 27.58 -2.17
HO6 NAG M . -4.87 24.63 -0.10
#